data_4IEL
#
_entry.id   4IEL
#
_cell.length_a   100.040
_cell.length_b   170.730
_cell.length_c   50.781
_cell.angle_alpha   90.000
_cell.angle_beta   90.000
_cell.angle_gamma   90.000
#
_symmetry.space_group_name_H-M   'C 2 2 21'
#
loop_
_entity.id
_entity.type
_entity.pdbx_description
1 polymer 'Glutathione S-transferase, N-terminal domain protein'
2 polymer 'Tripeptide likely a portion of the N-terminal tag'
3 non-polymer GLUTATHIONE
4 non-polymer 'MAGNESIUM ION'
5 water water
#
loop_
_entity_poly.entity_id
_entity_poly.type
_entity_poly.pdbx_seq_one_letter_code
_entity_poly.pdbx_strand_id
1 'polypeptide(L)'
;MHHHHHHSSGVDLGTENLYFQSMLHILGKIPSINVRKVLWLCTELNLPFEQEDWGAGFRTTNDPAYLALNPNGLVPVIKD
DGFVLWESNTIIRYLANRYGGDALYPAEPQARARVDQWIDWQGSDLNRSWVGAFLGLVRKSPEHQDPAAIAQSIAGWTKH
MQVLNAQLEATGAFVAGDHFTLADIPIGLSVNRWFGTPFEHPDFPAAKRYIERLATREGFKQYAGSANP
;
A,B
2 'polypeptide(L)' (UNK)(UNK)(UNK) C
#
# COMPACT_ATOMS: atom_id res chain seq x y z
N SER A 22 9.63 21.49 29.79
CA SER A 22 9.71 22.50 28.73
C SER A 22 9.41 21.92 27.37
N MET A 23 9.99 20.76 27.06
CA MET A 23 9.76 20.11 25.78
C MET A 23 8.29 19.70 25.66
N LEU A 24 7.87 19.36 24.45
CA LEU A 24 6.48 19.03 24.19
C LEU A 24 6.01 17.84 25.02
N HIS A 25 4.93 18.03 25.76
CA HIS A 25 4.30 16.92 26.49
C HIS A 25 2.95 16.56 25.87
N ILE A 26 2.76 15.28 25.56
CA ILE A 26 1.51 14.81 24.97
C ILE A 26 0.79 13.88 25.94
N LEU A 27 -0.35 14.32 26.46
CA LEU A 27 -1.11 13.53 27.42
C LEU A 27 -2.27 12.78 26.76
N GLY A 28 -2.25 11.46 26.89
CA GLY A 28 -3.31 10.65 26.32
C GLY A 28 -2.79 9.30 25.91
N LYS A 29 -3.60 8.27 26.11
CA LYS A 29 -3.21 6.91 25.79
C LYS A 29 -3.02 6.71 24.29
N ILE A 30 -2.09 5.84 23.92
CA ILE A 30 -1.78 5.59 22.51
C ILE A 30 -2.93 4.98 21.70
N PRO A 31 -3.73 4.07 22.31
CA PRO A 31 -4.88 3.56 21.52
C PRO A 31 -5.83 4.63 21.00
N SER A 32 -5.88 5.80 21.63
CA SER A 32 -6.75 6.88 21.16
C SER A 32 -6.30 7.35 19.77
N ILE A 33 -7.23 7.36 18.82
CA ILE A 33 -6.93 7.81 17.45
C ILE A 33 -6.57 9.29 17.42
N ASN A 34 -7.17 10.06 18.32
CA ASN A 34 -6.90 11.49 18.38
C ASN A 34 -5.51 11.80 18.96
N VAL A 35 -5.07 10.99 19.91
CA VAL A 35 -3.71 11.09 20.44
C VAL A 35 -2.69 10.73 19.37
N ARG A 36 -2.98 9.68 18.59
CA ARG A 36 -2.05 9.25 17.56
C ARG A 36 -1.94 10.23 16.38
N LYS A 37 -2.93 11.11 16.22
CA LYS A 37 -2.83 12.19 15.24
C LYS A 37 -1.62 13.04 15.62
N VAL A 38 -1.50 13.31 16.91
CA VAL A 38 -0.43 14.17 17.42
C VAL A 38 0.91 13.46 17.37
N LEU A 39 0.94 12.19 17.79
CA LEU A 39 2.18 11.42 17.81
C LEU A 39 2.76 11.26 16.41
N TRP A 40 1.90 10.97 15.43
CA TRP A 40 2.35 10.82 14.05
C TRP A 40 2.87 12.16 13.52
N LEU A 41 2.16 13.24 13.81
CA LEU A 41 2.63 14.56 13.33
C LEU A 41 4.01 14.87 13.88
N CYS A 42 4.23 14.58 15.16
CA CYS A 42 5.55 14.83 15.74
C CYS A 42 6.65 14.04 15.04
N THR A 43 6.32 12.83 14.59
CA THR A 43 7.30 12.05 13.83
C THR A 43 7.61 12.73 12.49
N GLU A 44 6.58 13.23 11.80
CA GLU A 44 6.75 13.92 10.54
C GLU A 44 7.64 15.15 10.71
N LEU A 45 7.45 15.85 11.83
CA LEU A 45 8.17 17.10 12.08
C LEU A 45 9.54 16.90 12.74
N ASN A 46 9.86 15.66 13.12
CA ASN A 46 11.05 15.38 13.94
C ASN A 46 11.07 16.18 15.23
N LEU A 47 9.90 16.33 15.82
CA LEU A 47 9.72 17.10 17.05
C LEU A 47 9.74 16.14 18.24
N PRO A 48 10.72 16.31 19.14
CA PRO A 48 10.79 15.49 20.35
C PRO A 48 9.60 15.75 21.26
N PHE A 49 9.17 14.71 21.97
CA PHE A 49 8.04 14.83 22.89
C PHE A 49 8.15 13.85 24.06
N GLU A 50 7.34 14.07 25.08
CA GLU A 50 7.13 13.13 26.17
C GLU A 50 5.65 12.75 26.18
N GLN A 51 5.36 11.46 26.05
CA GLN A 51 3.98 11.01 26.03
C GLN A 51 3.60 10.39 27.37
N GLU A 52 2.37 10.66 27.82
CA GLU A 52 1.88 10.16 29.10
C GLU A 52 0.50 9.56 28.94
N ASP A 53 0.29 8.36 29.51
CA ASP A 53 -0.99 7.69 29.43
C ASP A 53 -2.05 8.40 30.24
N TRP A 54 -3.18 8.73 29.61
CA TRP A 54 -4.33 9.22 30.34
C TRP A 54 -5.60 8.54 29.83
N GLY A 55 -6.48 8.19 30.78
CA GLY A 55 -7.54 7.20 30.58
C GLY A 55 -8.48 7.36 29.41
N ASP A 63 -9.92 13.62 37.38
CA ASP A 63 -8.69 14.02 38.06
C ASP A 63 -8.42 15.50 37.79
N PRO A 64 -8.46 16.32 38.84
CA PRO A 64 -8.28 17.77 38.80
C PRO A 64 -7.01 18.18 38.07
N ALA A 65 -5.94 17.41 38.24
CA ALA A 65 -4.66 17.72 37.60
C ALA A 65 -4.85 17.78 36.08
N TYR A 66 -5.64 16.84 35.56
CA TYR A 66 -5.95 16.81 34.13
C TYR A 66 -6.97 17.87 33.74
N LEU A 67 -8.02 18.02 34.54
CA LEU A 67 -9.10 18.97 34.22
C LEU A 67 -8.60 20.41 34.21
N ALA A 68 -7.54 20.68 34.97
CA ALA A 68 -6.90 21.98 34.94
C ALA A 68 -6.31 22.26 33.57
N LEU A 69 -6.01 21.18 32.86
CA LEU A 69 -5.39 21.26 31.54
C LEU A 69 -6.45 21.27 30.45
N ASN A 70 -7.33 20.26 30.50
CA ASN A 70 -8.49 20.18 29.62
C ASN A 70 -9.76 19.94 30.44
N PRO A 71 -10.57 21.00 30.61
CA PRO A 71 -11.78 20.95 31.43
C PRO A 71 -12.80 19.96 30.89
N ASN A 72 -12.64 19.53 29.64
CA ASN A 72 -13.55 18.54 29.05
C ASN A 72 -13.27 17.10 29.44
N GLY A 73 -12.08 16.84 30.00
CA GLY A 73 -11.74 15.51 30.45
C GLY A 73 -11.51 14.53 29.32
N LEU A 74 -11.02 15.05 28.19
CA LEU A 74 -10.76 14.19 27.04
C LEU A 74 -9.29 14.24 26.64
N VAL A 75 -8.85 13.22 25.89
CA VAL A 75 -7.49 13.19 25.38
C VAL A 75 -7.50 13.44 23.87
N PRO A 76 -6.44 14.05 23.33
CA PRO A 76 -5.21 14.49 23.98
C PRO A 76 -5.28 15.93 24.48
N VAL A 77 -4.30 16.28 25.32
CA VAL A 77 -3.99 17.67 25.60
C VAL A 77 -2.46 17.76 25.55
N ILE A 78 -1.92 18.88 25.08
CA ILE A 78 -0.48 19.07 25.06
C ILE A 78 -0.03 20.23 25.96
N LYS A 79 1.23 20.19 26.39
CA LYS A 79 1.86 21.32 27.04
C LYS A 79 3.12 21.63 26.24
N ASP A 80 3.27 22.87 25.82
CA ASP A 80 4.41 23.26 24.99
C ASP A 80 5.08 24.52 25.55
N ASP A 81 6.05 24.30 26.44
CA ASP A 81 6.74 25.37 27.16
C ASP A 81 5.77 26.36 27.77
N GLY A 82 4.82 25.85 28.56
CA GLY A 82 3.83 26.69 29.21
C GLY A 82 2.50 26.82 28.49
N PHE A 83 2.51 26.60 27.18
CA PHE A 83 1.29 26.75 26.36
C PHE A 83 0.50 25.46 26.38
N VAL A 84 -0.72 25.51 26.90
CA VAL A 84 -1.58 24.34 27.02
C VAL A 84 -2.67 24.35 25.94
N LEU A 85 -2.86 23.22 25.27
CA LEU A 85 -3.81 23.15 24.16
C LEU A 85 -4.49 21.77 24.06
N TRP A 86 -5.81 21.77 23.89
CA TRP A 86 -6.55 20.55 23.58
C TRP A 86 -7.32 20.72 22.26
N GLU A 87 -8.07 19.67 21.90
CA GLU A 87 -8.65 19.44 20.56
C GLU A 87 -7.57 18.94 19.61
N SER A 88 -7.62 17.64 19.28
CA SER A 88 -6.56 17.02 18.49
C SER A 88 -6.35 17.70 17.14
N ASN A 89 -7.43 18.08 16.47
CA ASN A 89 -7.27 18.72 15.17
C ASN A 89 -6.70 20.12 15.29
N THR A 90 -6.94 20.78 16.42
CA THR A 90 -6.35 22.08 16.70
C THR A 90 -4.86 21.94 16.99
N ILE A 91 -4.53 20.91 17.76
CA ILE A 91 -3.15 20.64 18.13
C ILE A 91 -2.29 20.36 16.91
N ILE A 92 -2.79 19.55 15.98
CA ILE A 92 -1.99 19.27 14.79
C ILE A 92 -1.83 20.50 13.88
N ARG A 93 -2.87 21.32 13.79
CA ARG A 93 -2.75 22.60 13.09
C ARG A 93 -1.69 23.49 13.75
N TYR A 94 -1.72 23.54 15.08
CA TYR A 94 -0.76 24.37 15.83
C TYR A 94 0.69 23.94 15.59
N LEU A 95 0.94 22.65 15.74
CA LEU A 95 2.30 22.15 15.57
C LEU A 95 2.75 22.37 14.12
N ALA A 96 1.85 22.18 13.16
CA ALA A 96 2.18 22.45 11.76
C ALA A 96 2.48 23.93 11.52
N ASN A 97 1.66 24.79 12.08
CA ASN A 97 1.83 26.24 11.91
C ASN A 97 3.13 26.70 12.52
N ARG A 98 3.49 26.12 13.66
CA ARG A 98 4.68 26.57 14.37
C ARG A 98 5.97 25.99 13.81
N TYR A 99 5.97 24.73 13.43
CA TYR A 99 7.21 24.01 13.10
C TYR A 99 7.31 23.50 11.66
N GLY A 100 6.19 23.43 10.97
CA GLY A 100 6.14 22.76 9.68
C GLY A 100 6.31 23.67 8.48
N GLY A 101 6.62 23.07 7.34
CA GLY A 101 6.75 23.81 6.09
C GLY A 101 5.43 23.98 5.37
N ASP A 102 5.47 24.68 4.26
CA ASP A 102 4.23 25.04 3.56
C ASP A 102 3.51 23.83 2.94
N ALA A 103 4.26 22.87 2.43
CA ALA A 103 3.64 21.70 1.80
C ALA A 103 2.71 20.97 2.77
N LEU A 104 3.14 20.87 4.03
CA LEU A 104 2.36 20.17 5.05
C LEU A 104 1.02 20.84 5.34
N TYR A 105 1.00 22.17 5.34
CA TYR A 105 -0.22 22.91 5.66
C TYR A 105 -0.12 24.24 4.92
N PRO A 106 -0.62 24.26 3.67
CA PRO A 106 -0.29 25.37 2.76
C PRO A 106 -0.92 26.68 3.24
N ALA A 107 -0.24 27.79 2.92
CA ALA A 107 -0.72 29.12 3.30
C ALA A 107 -1.77 29.65 2.31
N GLU A 108 -1.69 29.24 1.04
CA GLU A 108 -2.60 29.75 0.02
C GLU A 108 -4.02 29.38 0.44
N PRO A 109 -4.93 30.38 0.49
CA PRO A 109 -6.27 30.12 1.06
C PRO A 109 -7.05 28.92 0.51
N GLN A 110 -7.08 28.73 -0.80
CA GLN A 110 -7.80 27.58 -1.37
C GLN A 110 -7.12 26.25 -1.03
N ALA A 111 -5.81 26.19 -1.19
CA ALA A 111 -5.11 24.95 -0.84
C ALA A 111 -5.24 24.63 0.65
N ARG A 112 -5.20 25.66 1.48
N ARG A 112 -5.19 25.66 1.49
CA ARG A 112 -5.34 25.49 2.92
CA ARG A 112 -5.34 25.46 2.92
C ARG A 112 -6.73 24.99 3.23
C ARG A 112 -6.74 24.96 3.22
N ALA A 113 -7.72 25.49 2.48
CA ALA A 113 -9.11 25.11 2.73
C ALA A 113 -9.35 23.66 2.37
N ARG A 114 -8.66 23.16 1.35
CA ARG A 114 -8.84 21.73 1.03
C ARG A 114 -8.32 20.86 2.15
N VAL A 115 -7.21 21.26 2.75
CA VAL A 115 -6.66 20.56 3.88
C VAL A 115 -7.57 20.66 5.09
N ASP A 116 -8.04 21.86 5.41
CA ASP A 116 -8.95 22.05 6.55
C ASP A 116 -10.23 21.26 6.35
N GLN A 117 -10.72 21.20 5.12
CA GLN A 117 -12.00 20.56 4.83
C GLN A 117 -12.00 19.13 5.32
N TRP A 118 -10.96 18.39 4.97
CA TRP A 118 -10.90 16.98 5.32
C TRP A 118 -10.58 16.75 6.80
N ILE A 119 -9.79 17.65 7.38
CA ILE A 119 -9.56 17.63 8.82
C ILE A 119 -10.89 17.81 9.57
N ASP A 120 -11.64 18.84 9.18
CA ASP A 120 -12.92 19.14 9.82
C ASP A 120 -13.96 18.07 9.55
N TRP A 121 -13.95 17.50 8.34
CA TRP A 121 -14.88 16.40 8.03
C TRP A 121 -14.55 15.17 8.86
N GLN A 122 -13.25 14.91 9.04
CA GLN A 122 -12.84 13.78 9.86
C GLN A 122 -13.30 13.95 11.31
N GLY A 123 -13.16 15.16 11.83
CA GLY A 123 -13.36 15.40 13.25
C GLY A 123 -14.81 15.61 13.68
N SER A 124 -15.68 15.85 12.71
CA SER A 124 -17.09 16.14 13.05
C SER A 124 -18.07 15.15 12.44
N ASP A 125 -17.71 14.57 11.30
CA ASP A 125 -18.66 13.73 10.57
C ASP A 125 -18.21 12.28 10.42
N LEU A 126 -17.03 12.06 9.84
CA LEU A 126 -16.57 10.69 9.60
C LEU A 126 -16.40 9.91 10.88
N ASN A 127 -15.79 10.52 11.89
CA ASN A 127 -15.49 9.80 13.12
C ASN A 127 -16.76 9.39 13.88
N ARG A 128 -17.84 10.14 13.69
CA ARG A 128 -19.12 9.74 14.29
C ARG A 128 -19.72 8.51 13.62
N SER A 129 -19.45 8.32 12.34
CA SER A 129 -20.11 7.27 11.57
C SER A 129 -19.70 5.85 11.94
N TRP A 130 -18.55 5.72 12.59
CA TRP A 130 -18.01 4.38 12.86
C TRP A 130 -18.28 3.86 14.27
N VAL A 131 -18.82 4.71 15.13
CA VAL A 131 -18.89 4.45 16.57
C VAL A 131 -19.39 3.05 16.92
N GLY A 132 -20.63 2.73 16.52
CA GLY A 132 -21.21 1.43 16.80
C GLY A 132 -20.39 0.24 16.33
N ALA A 133 -19.94 0.29 15.09
CA ALA A 133 -19.17 -0.81 14.53
C ALA A 133 -17.78 -0.97 15.16
N PHE A 134 -17.12 0.16 15.43
CA PHE A 134 -15.80 0.10 16.05
C PHE A 134 -15.86 -0.44 17.48
N LEU A 135 -16.66 0.22 18.32
CA LEU A 135 -16.83 -0.22 19.71
C LEU A 135 -17.31 -1.67 19.81
N GLY A 136 -18.12 -2.09 18.85
CA GLY A 136 -18.68 -3.44 18.87
C GLY A 136 -17.73 -4.53 18.39
N LEU A 137 -17.08 -4.29 17.25
CA LEU A 137 -16.26 -5.30 16.61
C LEU A 137 -14.79 -5.28 17.05
N VAL A 138 -14.31 -4.12 17.46
CA VAL A 138 -12.91 -3.98 17.89
C VAL A 138 -12.78 -3.94 19.41
N ARG A 139 -13.53 -3.07 20.05
CA ARG A 139 -13.39 -2.83 21.49
C ARG A 139 -14.30 -3.71 22.37
N LYS A 140 -15.26 -4.40 21.76
CA LYS A 140 -16.22 -5.24 22.48
C LYS A 140 -16.97 -4.47 23.58
N HIS A 144 -22.42 -2.54 22.64
CA HIS A 144 -22.59 -2.27 21.21
C HIS A 144 -22.55 -3.56 20.40
N GLN A 145 -23.25 -4.58 20.87
CA GLN A 145 -23.26 -5.89 20.22
C GLN A 145 -24.58 -6.22 19.52
N ASP A 146 -25.41 -5.20 19.31
CA ASP A 146 -26.68 -5.39 18.63
C ASP A 146 -26.46 -5.51 17.12
N PRO A 147 -26.88 -6.65 16.54
CA PRO A 147 -26.68 -6.96 15.11
C PRO A 147 -27.20 -5.86 14.18
N ALA A 148 -28.43 -5.41 14.40
CA ALA A 148 -28.99 -4.31 13.61
C ALA A 148 -28.18 -3.01 13.76
N ALA A 149 -27.79 -2.69 14.98
CA ALA A 149 -27.04 -1.45 15.23
C ALA A 149 -25.67 -1.46 14.58
N ILE A 150 -25.02 -2.63 14.61
CA ILE A 150 -23.71 -2.78 13.99
C ILE A 150 -23.85 -2.70 12.47
N ALA A 151 -24.85 -3.39 11.93
CA ALA A 151 -25.13 -3.31 10.50
C ALA A 151 -25.42 -1.89 10.05
N GLN A 152 -26.13 -1.14 10.88
CA GLN A 152 -26.47 0.25 10.55
C GLN A 152 -25.23 1.14 10.59
N SER A 153 -24.38 0.92 11.59
CA SER A 153 -23.14 1.70 11.68
C SER A 153 -22.26 1.43 10.48
N ILE A 154 -22.12 0.16 10.12
CA ILE A 154 -21.37 -0.22 8.93
C ILE A 154 -21.95 0.47 7.69
N ALA A 155 -23.28 0.59 7.64
CA ALA A 155 -23.94 1.27 6.54
C ALA A 155 -23.56 2.76 6.47
N GLY A 156 -23.66 3.45 7.61
CA GLY A 156 -23.34 4.85 7.67
C GLY A 156 -21.84 5.08 7.48
N TRP A 157 -21.04 4.15 7.99
CA TRP A 157 -19.59 4.26 7.84
C TRP A 157 -19.26 4.08 6.37
N THR A 158 -19.89 3.09 5.74
CA THR A 158 -19.71 2.83 4.31
C THR A 158 -20.06 4.04 3.43
N LYS A 159 -21.16 4.72 3.75
CA LYS A 159 -21.53 5.89 2.95
C LYS A 159 -20.49 7.01 3.07
N HIS A 160 -19.95 7.22 4.28
CA HIS A 160 -18.88 8.20 4.44
C HIS A 160 -17.59 7.74 3.77
N MET A 161 -17.26 6.46 3.89
CA MET A 161 -16.06 5.94 3.24
C MET A 161 -16.20 5.98 1.73
N GLN A 162 -17.44 5.93 1.27
CA GLN A 162 -17.73 6.07 -0.15
C GLN A 162 -17.37 7.46 -0.66
N VAL A 163 -17.69 8.48 0.12
CA VAL A 163 -17.33 9.86 -0.23
C VAL A 163 -15.81 10.02 -0.29
N LEU A 164 -15.16 9.50 0.74
CA LEU A 164 -13.70 9.58 0.82
C LEU A 164 -13.01 8.81 -0.30
N ASN A 165 -13.51 7.61 -0.58
CA ASN A 165 -12.95 6.82 -1.68
C ASN A 165 -13.04 7.57 -3.01
N ALA A 166 -14.17 8.24 -3.24
CA ALA A 166 -14.35 9.03 -4.45
C ALA A 166 -13.35 10.18 -4.56
N GLN A 167 -13.07 10.83 -3.44
CA GLN A 167 -12.08 11.91 -3.42
C GLN A 167 -10.69 11.37 -3.76
N LEU A 168 -10.35 10.23 -3.19
CA LEU A 168 -9.04 9.63 -3.42
C LEU A 168 -8.85 9.17 -4.86
N GLU A 169 -9.94 8.75 -5.50
CA GLU A 169 -9.92 8.44 -6.94
C GLU A 169 -9.65 9.71 -7.72
N ALA A 170 -10.29 10.79 -7.30
CA ALA A 170 -10.21 12.06 -7.99
C ALA A 170 -8.80 12.66 -7.95
N THR A 171 -8.13 12.54 -6.81
CA THR A 171 -6.77 13.03 -6.69
C THR A 171 -5.77 11.99 -7.17
N GLY A 172 -6.10 10.72 -6.97
CA GLY A 172 -5.21 9.63 -7.33
C GLY A 172 -4.00 9.52 -6.43
N ALA A 173 -3.95 10.35 -5.39
CA ALA A 173 -2.79 10.43 -4.52
C ALA A 173 -3.16 10.52 -3.04
N PHE A 174 -3.18 11.73 -2.51
CA PHE A 174 -3.50 11.94 -1.10
C PHE A 174 -4.87 12.60 -0.97
N VAL A 175 -5.34 12.82 0.25
CA VAL A 175 -6.72 13.27 0.44
C VAL A 175 -6.98 14.68 -0.08
N ALA A 176 -5.97 15.55 0.01
CA ALA A 176 -6.19 16.95 -0.33
C ALA A 176 -5.51 17.36 -1.63
N GLY A 177 -4.83 16.42 -2.28
CA GLY A 177 -4.14 16.74 -3.52
C GLY A 177 -3.01 15.78 -3.85
N ASP A 178 -2.00 16.28 -4.55
CA ASP A 178 -0.94 15.40 -5.06
C ASP A 178 0.17 15.03 -4.06
N HIS A 179 0.15 15.60 -2.88
CA HIS A 179 1.19 15.29 -1.91
C HIS A 179 0.67 15.21 -0.47
N PHE A 180 1.47 14.62 0.40
CA PHE A 180 1.11 14.42 1.81
C PHE A 180 0.89 15.78 2.47
N THR A 181 -0.24 15.90 3.16
CA THR A 181 -0.51 17.10 3.95
C THR A 181 -1.01 16.72 5.33
N LEU A 182 -1.19 17.74 6.16
CA LEU A 182 -1.72 17.56 7.51
C LEU A 182 -3.02 16.76 7.51
N ALA A 183 -3.83 16.89 6.46
CA ALA A 183 -5.12 16.22 6.41
C ALA A 183 -4.98 14.70 6.36
N ASP A 184 -3.87 14.25 5.80
CA ASP A 184 -3.64 12.81 5.68
C ASP A 184 -3.38 12.14 7.03
N ILE A 185 -3.14 12.92 8.07
CA ILE A 185 -2.99 12.34 9.40
C ILE A 185 -4.35 11.89 9.99
N PRO A 186 -5.32 12.81 10.15
CA PRO A 186 -6.65 12.33 10.58
C PRO A 186 -7.30 11.37 9.58
N ILE A 187 -7.19 11.67 8.29
CA ILE A 187 -7.79 10.79 7.28
C ILE A 187 -7.08 9.42 7.21
N GLY A 188 -5.75 9.43 7.23
CA GLY A 188 -4.99 8.18 7.19
C GLY A 188 -5.29 7.29 8.37
N LEU A 189 -5.35 7.86 9.57
CA LEU A 189 -5.66 7.06 10.75
C LEU A 189 -7.09 6.52 10.71
N SER A 190 -7.99 7.27 10.10
CA SER A 190 -9.39 6.88 9.97
C SER A 190 -9.55 5.75 8.97
N VAL A 191 -8.78 5.80 7.89
CA VAL A 191 -8.78 4.70 6.92
C VAL A 191 -8.14 3.46 7.54
N ASN A 192 -7.11 3.67 8.36
CA ASN A 192 -6.49 2.58 9.08
C ASN A 192 -7.50 1.89 9.97
N ARG A 193 -8.36 2.70 10.60
CA ARG A 193 -9.41 2.19 11.48
C ARG A 193 -10.42 1.36 10.70
N TRP A 194 -10.79 1.84 9.51
CA TRP A 194 -11.72 1.11 8.65
C TRP A 194 -11.20 -0.28 8.29
N PHE A 195 -9.93 -0.38 7.92
CA PHE A 195 -9.37 -1.69 7.56
C PHE A 195 -9.03 -2.55 8.77
N GLY A 196 -8.81 -1.90 9.91
CA GLY A 196 -8.49 -2.60 11.13
C GLY A 196 -9.71 -3.06 11.93
N THR A 197 -10.90 -2.85 11.38
CA THR A 197 -12.14 -3.28 12.01
C THR A 197 -12.63 -4.53 11.29
N PRO A 198 -12.86 -5.63 12.04
CA PRO A 198 -13.15 -6.93 11.42
C PRO A 198 -14.60 -7.05 10.93
N PHE A 199 -14.79 -6.86 9.62
CA PHE A 199 -16.06 -7.16 8.95
C PHE A 199 -15.83 -7.27 7.45
N GLU A 200 -16.86 -7.67 6.72
CA GLU A 200 -16.78 -7.82 5.27
C GLU A 200 -16.72 -6.47 4.59
N HIS A 201 -15.52 -6.03 4.22
CA HIS A 201 -15.34 -4.70 3.63
C HIS A 201 -15.78 -4.66 2.17
N PRO A 202 -16.59 -3.65 1.83
CA PRO A 202 -16.97 -3.34 0.44
C PRO A 202 -15.73 -2.88 -0.31
N ASP A 203 -15.65 -3.10 -1.61
CA ASP A 203 -14.48 -2.74 -2.38
C ASP A 203 -14.31 -1.22 -2.51
N PHE A 204 -13.34 -0.67 -1.78
CA PHE A 204 -12.92 0.73 -1.94
C PHE A 204 -11.45 0.73 -2.32
N PRO A 205 -11.14 0.48 -3.60
CA PRO A 205 -9.76 0.28 -4.09
C PRO A 205 -8.86 1.49 -3.82
N ALA A 206 -9.38 2.68 -4.06
CA ALA A 206 -8.62 3.92 -3.87
C ALA A 206 -8.23 4.10 -2.40
N ALA A 207 -9.14 3.74 -1.50
CA ALA A 207 -8.83 3.76 -0.08
C ALA A 207 -7.71 2.79 0.28
N LYS A 208 -7.72 1.61 -0.33
CA LYS A 208 -6.66 0.63 -0.10
C LYS A 208 -5.30 1.09 -0.63
N ARG A 209 -5.30 1.68 -1.84
CA ARG A 209 -4.12 2.28 -2.45
C ARG A 209 -3.51 3.31 -1.52
N TYR A 210 -4.39 4.11 -0.93
CA TYR A 210 -4.00 5.25 -0.12
C TYR A 210 -3.29 4.78 1.15
N ILE A 211 -3.89 3.80 1.83
CA ILE A 211 -3.35 3.29 3.08
C ILE A 211 -2.00 2.58 2.85
N GLU A 212 -1.84 1.93 1.70
CA GLU A 212 -0.58 1.30 1.38
C GLU A 212 0.49 2.34 1.08
N ARG A 213 0.08 3.49 0.54
CA ARG A 213 0.99 4.58 0.29
C ARG A 213 1.48 5.21 1.59
N LEU A 214 0.57 5.37 2.55
CA LEU A 214 0.95 5.93 3.85
C LEU A 214 1.81 4.96 4.68
N ALA A 215 1.71 3.66 4.40
CA ALA A 215 2.39 2.65 5.22
C ALA A 215 3.93 2.70 5.15
N THR A 216 4.47 3.43 4.18
CA THR A 216 5.91 3.62 4.09
C THR A 216 6.42 4.74 5.00
N ARG A 217 5.50 5.51 5.58
CA ARG A 217 5.89 6.61 6.44
C ARG A 217 6.15 6.13 7.86
N GLU A 218 7.26 6.57 8.44
CA GLU A 218 7.66 6.15 9.78
C GLU A 218 6.55 6.29 10.82
N GLY A 219 5.87 7.44 10.83
CA GLY A 219 4.81 7.68 11.79
C GLY A 219 3.63 6.75 11.64
N PHE A 220 3.34 6.34 10.40
CA PHE A 220 2.24 5.40 10.18
C PHE A 220 2.65 4.01 10.66
N LYS A 221 3.91 3.63 10.47
CA LYS A 221 4.36 2.33 10.94
C LYS A 221 4.27 2.26 12.45
N GLN A 222 4.61 3.35 13.11
CA GLN A 222 4.57 3.41 14.57
C GLN A 222 3.14 3.50 15.14
N TYR A 223 2.30 4.34 14.55
CA TYR A 223 1.02 4.70 15.17
C TYR A 223 -0.22 4.26 14.41
N ALA A 224 -0.03 3.46 13.38
CA ALA A 224 -1.18 2.93 12.64
C ALA A 224 -0.93 1.46 12.37
N GLY A 225 -1.41 0.95 11.25
CA GLY A 225 -1.31 -0.47 10.97
C GLY A 225 -2.32 -1.25 11.79
N SER A 226 -2.35 -2.58 11.63
CA SER A 226 -3.29 -3.42 12.36
C SER A 226 -3.05 -3.39 13.86
N ALA A 227 -1.82 -3.06 14.26
CA ALA A 227 -1.48 -2.97 15.69
C ALA A 227 -2.22 -1.83 16.39
N ASN A 228 -2.59 -0.80 15.63
CA ASN A 228 -3.26 0.37 16.20
C ASN A 228 -4.55 0.73 15.46
N PRO A 229 -5.62 -0.05 15.67
CA PRO A 229 -6.86 0.26 14.94
C PRO A 229 -7.44 1.61 15.32
N LEU B 24 4.51 3.55 -27.08
CA LEU B 24 4.62 2.22 -26.47
C LEU B 24 3.26 1.73 -25.99
N HIS B 25 2.80 0.61 -26.55
CA HIS B 25 1.51 0.07 -26.19
C HIS B 25 1.69 -1.22 -25.42
N ILE B 26 0.98 -1.34 -24.29
CA ILE B 26 1.07 -2.55 -23.47
C ILE B 26 -0.31 -3.20 -23.37
N LEU B 27 -0.44 -4.40 -23.89
CA LEU B 27 -1.73 -5.08 -23.94
C LEU B 27 -1.82 -6.16 -22.86
N GLY B 28 -2.78 -6.02 -21.96
CA GLY B 28 -2.96 -6.99 -20.90
C GLY B 28 -3.58 -6.38 -19.65
N LYS B 29 -4.45 -7.13 -19.01
CA LYS B 29 -5.13 -6.67 -17.80
C LYS B 29 -4.16 -6.48 -16.64
N ILE B 30 -4.40 -5.44 -15.85
CA ILE B 30 -3.60 -5.14 -14.66
C ILE B 30 -3.44 -6.30 -13.65
N PRO B 31 -4.50 -7.09 -13.40
CA PRO B 31 -4.31 -8.18 -12.43
C PRO B 31 -3.19 -9.18 -12.75
N SER B 32 -2.87 -9.32 -14.03
CA SER B 32 -1.80 -10.23 -14.44
C SER B 32 -0.45 -9.79 -13.87
N ILE B 33 0.22 -10.71 -13.18
CA ILE B 33 1.50 -10.39 -12.56
C ILE B 33 2.51 -10.13 -13.67
N ASN B 34 2.30 -10.78 -14.81
CA ASN B 34 3.23 -10.67 -15.93
C ASN B 34 3.12 -9.32 -16.63
N VAL B 35 1.90 -8.83 -16.76
CA VAL B 35 1.65 -7.48 -17.24
C VAL B 35 2.27 -6.49 -16.29
N ARG B 36 2.10 -6.74 -14.99
CA ARG B 36 2.61 -5.81 -13.98
C ARG B 36 4.15 -5.70 -13.93
N LYS B 37 4.86 -6.78 -14.28
CA LYS B 37 6.31 -6.69 -14.47
C LYS B 37 6.64 -5.55 -15.45
N VAL B 38 5.91 -5.52 -16.56
CA VAL B 38 6.19 -4.55 -17.62
C VAL B 38 5.80 -3.14 -17.18
N LEU B 39 4.63 -3.01 -16.56
CA LEU B 39 4.18 -1.70 -16.10
C LEU B 39 5.11 -1.11 -15.04
N TRP B 40 5.55 -1.93 -14.10
CA TRP B 40 6.47 -1.47 -13.08
C TRP B 40 7.78 -1.02 -13.74
N LEU B 41 8.31 -1.80 -14.67
CA LEU B 41 9.57 -1.39 -15.29
C LEU B 41 9.44 -0.09 -16.07
N CYS B 42 8.31 0.09 -16.75
CA CYS B 42 8.08 1.33 -17.49
C CYS B 42 8.07 2.52 -16.53
N THR B 43 7.55 2.30 -15.32
CA THR B 43 7.58 3.35 -14.30
C THR B 43 9.02 3.65 -13.84
N GLU B 44 9.81 2.60 -13.63
CA GLU B 44 11.20 2.77 -13.25
C GLU B 44 11.99 3.53 -14.31
N LEU B 45 11.71 3.25 -15.59
CA LEU B 45 12.43 3.85 -16.69
C LEU B 45 11.84 5.18 -17.17
N ASN B 46 10.75 5.61 -16.55
CA ASN B 46 10.03 6.82 -16.99
C ASN B 46 9.62 6.75 -18.46
N LEU B 47 9.17 5.57 -18.89
CA LEU B 47 8.71 5.40 -20.26
C LEU B 47 7.23 5.65 -20.36
N PRO B 48 6.83 6.56 -21.26
CA PRO B 48 5.42 6.78 -21.55
C PRO B 48 4.82 5.52 -22.15
N PHE B 49 3.58 5.21 -21.81
CA PHE B 49 2.90 4.06 -22.40
C PHE B 49 1.38 4.21 -22.41
N GLU B 50 0.75 3.44 -23.28
CA GLU B 50 -0.68 3.26 -23.21
C GLU B 50 -0.94 1.79 -22.93
N GLN B 51 -1.75 1.54 -21.91
CA GLN B 51 -2.13 0.18 -21.55
C GLN B 51 -3.57 -0.13 -22.01
N GLU B 52 -3.78 -1.35 -22.48
CA GLU B 52 -5.11 -1.80 -22.88
C GLU B 52 -5.52 -3.04 -22.07
N ASP B 53 -6.78 -3.10 -21.65
CA ASP B 53 -7.25 -4.27 -20.92
C ASP B 53 -7.49 -5.43 -21.85
N TRP B 54 -6.76 -6.52 -21.65
CA TRP B 54 -6.97 -7.78 -22.34
C TRP B 54 -6.80 -8.94 -21.35
N GLY B 55 -7.49 -10.04 -21.60
CA GLY B 55 -7.33 -11.22 -20.77
C GLY B 55 -8.66 -11.64 -20.15
N ALA B 56 -8.64 -12.76 -19.42
CA ALA B 56 -9.85 -13.28 -18.78
C ALA B 56 -10.45 -12.24 -17.83
N GLY B 57 -11.76 -12.06 -17.91
CA GLY B 57 -12.44 -11.05 -17.12
C GLY B 57 -12.47 -9.71 -17.83
N PHE B 58 -11.78 -9.64 -18.97
CA PHE B 58 -11.74 -8.43 -19.77
C PHE B 58 -11.82 -8.79 -21.26
N ARG B 59 -11.49 -7.83 -22.11
CA ARG B 59 -11.43 -8.02 -23.56
C ARG B 59 -10.68 -9.31 -23.96
N THR B 60 -11.39 -10.20 -24.64
CA THR B 60 -10.89 -11.56 -24.90
C THR B 60 -9.67 -11.64 -25.86
N THR B 61 -8.73 -12.51 -25.51
CA THR B 61 -7.53 -12.72 -26.30
C THR B 61 -7.73 -13.83 -27.34
N ASN B 62 -8.87 -14.53 -27.23
CA ASN B 62 -9.26 -15.49 -28.26
C ASN B 62 -9.88 -14.74 -29.43
N ASP B 63 -9.12 -13.78 -29.94
CA ASP B 63 -9.48 -12.90 -31.04
C ASP B 63 -8.33 -12.97 -32.02
N PRO B 64 -8.65 -13.16 -33.32
CA PRO B 64 -7.62 -13.13 -34.36
C PRO B 64 -6.77 -11.86 -34.33
N ALA B 65 -7.35 -10.74 -33.89
CA ALA B 65 -6.62 -9.47 -33.81
C ALA B 65 -5.56 -9.49 -32.72
N TYR B 66 -5.82 -10.24 -31.63
CA TYR B 66 -4.83 -10.37 -30.57
C TYR B 66 -3.83 -11.46 -30.91
N LEU B 67 -4.33 -12.58 -31.44
CA LEU B 67 -3.49 -13.73 -31.78
C LEU B 67 -2.45 -13.39 -32.85
N ALA B 68 -2.74 -12.39 -33.68
CA ALA B 68 -1.79 -11.94 -34.70
C ALA B 68 -0.57 -11.26 -34.05
N LEU B 69 -0.78 -10.72 -32.86
CA LEU B 69 0.31 -10.11 -32.10
C LEU B 69 1.02 -11.17 -31.26
N ASN B 70 0.22 -12.00 -30.58
CA ASN B 70 0.74 -13.11 -29.78
C ASN B 70 -0.12 -14.34 -29.97
N PRO B 71 0.33 -15.27 -30.82
CA PRO B 71 -0.43 -16.48 -31.15
C PRO B 71 -0.67 -17.39 -29.95
N ASN B 72 0.06 -17.18 -28.86
CA ASN B 72 -0.21 -17.90 -27.62
C ASN B 72 -1.50 -17.43 -26.94
N GLY B 73 -1.99 -16.27 -27.34
CA GLY B 73 -3.20 -15.71 -26.75
C GLY B 73 -3.07 -15.41 -25.26
N LEU B 74 -1.87 -15.03 -24.85
CA LEU B 74 -1.61 -14.69 -23.44
C LEU B 74 -1.19 -13.24 -23.34
N VAL B 75 -1.34 -12.67 -22.14
CA VAL B 75 -0.88 -11.32 -21.87
C VAL B 75 0.38 -11.39 -21.01
N PRO B 76 1.28 -10.41 -21.16
CA PRO B 76 1.27 -9.20 -21.98
C PRO B 76 1.80 -9.40 -23.40
N VAL B 77 1.40 -8.51 -24.29
CA VAL B 77 2.14 -8.25 -25.51
C VAL B 77 2.36 -6.75 -25.61
N ILE B 78 3.54 -6.34 -26.08
CA ILE B 78 3.78 -4.91 -26.30
C ILE B 78 3.99 -4.59 -27.77
N LYS B 79 3.77 -3.32 -28.10
CA LYS B 79 4.15 -2.76 -29.38
C LYS B 79 4.98 -1.52 -29.09
N ASP B 80 6.22 -1.52 -29.54
CA ASP B 80 7.12 -0.41 -29.32
C ASP B 80 7.50 0.12 -30.69
N ASP B 81 6.77 1.14 -31.15
CA ASP B 81 7.04 1.77 -32.44
C ASP B 81 7.13 0.77 -33.59
N GLY B 82 6.18 -0.16 -33.67
CA GLY B 82 6.17 -1.15 -34.73
C GLY B 82 6.75 -2.51 -34.36
N PHE B 83 7.57 -2.56 -33.32
CA PHE B 83 8.16 -3.82 -32.84
C PHE B 83 7.20 -4.52 -31.87
N VAL B 84 6.74 -5.71 -32.25
CA VAL B 84 5.81 -6.49 -31.43
C VAL B 84 6.54 -7.61 -30.67
N LEU B 85 6.28 -7.70 -29.37
CA LEU B 85 7.02 -8.62 -28.52
C LEU B 85 6.15 -9.14 -27.37
N TRP B 86 6.13 -10.45 -27.20
CA TRP B 86 5.49 -11.09 -26.05
C TRP B 86 6.51 -11.84 -25.20
N GLU B 87 6.04 -12.44 -24.10
CA GLU B 87 6.86 -13.06 -23.07
C GLU B 87 7.39 -12.02 -22.08
N SER B 88 6.79 -11.96 -20.89
CA SER B 88 7.05 -10.88 -19.93
C SER B 88 8.51 -10.72 -19.50
N ASN B 89 9.18 -11.82 -19.23
CA ASN B 89 10.56 -11.69 -18.80
C ASN B 89 11.47 -11.23 -19.94
N THR B 90 11.06 -11.55 -21.16
CA THR B 90 11.78 -11.07 -22.35
C THR B 90 11.50 -9.60 -22.58
N ILE B 91 10.25 -9.21 -22.36
CA ILE B 91 9.87 -7.81 -22.57
C ILE B 91 10.64 -6.93 -21.61
N ILE B 92 10.76 -7.33 -20.34
CA ILE B 92 11.49 -6.47 -19.40
C ILE B 92 12.98 -6.41 -19.71
N ARG B 93 13.57 -7.52 -20.18
CA ARG B 93 14.93 -7.51 -20.69
C ARG B 93 15.08 -6.55 -21.86
N TYR B 94 14.12 -6.57 -22.78
CA TYR B 94 14.18 -5.73 -23.96
C TYR B 94 14.15 -4.26 -23.56
N LEU B 95 13.21 -3.91 -22.67
CA LEU B 95 13.11 -2.50 -22.28
C LEU B 95 14.36 -2.05 -21.53
N ALA B 96 14.92 -2.93 -20.70
CA ALA B 96 16.17 -2.63 -20.02
C ALA B 96 17.33 -2.48 -21.01
N ASN B 97 17.43 -3.38 -21.97
CA ASN B 97 18.51 -3.33 -22.96
C ASN B 97 18.42 -2.10 -23.83
N ARG B 98 17.19 -1.70 -24.17
CA ARG B 98 17.07 -0.59 -25.11
C ARG B 98 17.13 0.75 -24.39
N TYR B 99 16.52 0.85 -23.21
CA TYR B 99 16.36 2.16 -22.56
C TYR B 99 17.10 2.34 -21.25
N GLY B 100 17.53 1.24 -20.63
CA GLY B 100 18.08 1.32 -19.30
C GLY B 100 19.59 1.40 -19.21
N GLY B 101 20.09 1.77 -18.04
CA GLY B 101 21.53 1.85 -17.83
C GLY B 101 22.09 0.53 -17.35
N ASP B 102 23.41 0.49 -17.17
CA ASP B 102 24.09 -0.75 -16.80
C ASP B 102 23.71 -1.30 -15.42
N ALA B 103 23.52 -0.43 -14.45
CA ALA B 103 23.20 -0.90 -13.10
C ALA B 103 21.93 -1.76 -13.05
N LEU B 104 20.93 -1.40 -13.84
CA LEU B 104 19.66 -2.11 -13.89
C LEU B 104 19.83 -3.53 -14.43
N TYR B 105 20.70 -3.69 -15.41
CA TYR B 105 20.84 -4.98 -16.09
C TYR B 105 22.28 -5.03 -16.62
N PRO B 106 23.22 -5.45 -15.76
CA PRO B 106 24.64 -5.23 -16.09
C PRO B 106 25.13 -6.04 -17.26
N ALA B 107 26.13 -5.50 -17.95
CA ALA B 107 26.66 -6.14 -19.15
C ALA B 107 27.75 -7.17 -18.86
N GLU B 108 28.46 -7.00 -17.74
CA GLU B 108 29.52 -7.94 -17.36
C GLU B 108 28.89 -9.32 -17.23
N PRO B 109 29.44 -10.32 -17.94
CA PRO B 109 28.76 -11.63 -17.95
C PRO B 109 28.38 -12.21 -16.59
N GLN B 110 29.26 -12.17 -15.58
CA GLN B 110 28.94 -12.75 -14.28
C GLN B 110 27.84 -11.97 -13.57
N ALA B 111 27.96 -10.65 -13.55
CA ALA B 111 26.94 -9.82 -12.94
C ALA B 111 25.60 -9.97 -13.65
N ARG B 112 25.63 -10.06 -14.98
CA ARG B 112 24.41 -10.24 -15.76
C ARG B 112 23.78 -11.59 -15.41
N ALA B 113 24.62 -12.59 -15.21
CA ALA B 113 24.13 -13.93 -14.86
C ALA B 113 23.48 -13.95 -13.49
N ARG B 114 24.03 -13.18 -12.56
CA ARG B 114 23.43 -13.12 -11.22
C ARG B 114 22.05 -12.50 -11.24
N VAL B 115 21.80 -11.63 -12.22
CA VAL B 115 20.48 -11.04 -12.39
C VAL B 115 19.58 -11.98 -13.18
N ASP B 116 20.06 -12.50 -14.31
CA ASP B 116 19.28 -13.45 -15.11
C ASP B 116 18.79 -14.65 -14.28
N GLN B 117 19.63 -15.13 -13.36
CA GLN B 117 19.33 -16.37 -12.62
C GLN B 117 18.01 -16.25 -11.88
N TRP B 118 17.80 -15.11 -11.22
CA TRP B 118 16.58 -14.90 -10.46
C TRP B 118 15.38 -14.63 -11.36
N ILE B 119 15.61 -13.97 -12.50
CA ILE B 119 14.55 -13.77 -13.48
C ILE B 119 14.05 -15.11 -13.99
N ASP B 120 14.98 -15.97 -14.39
CA ASP B 120 14.65 -17.24 -15.00
C ASP B 120 14.10 -18.24 -13.98
N TRP B 121 14.59 -18.16 -12.76
CA TRP B 121 14.05 -18.97 -11.64
C TRP B 121 12.61 -18.55 -11.38
N GLN B 122 12.36 -17.25 -11.38
CA GLN B 122 11.00 -16.76 -11.19
C GLN B 122 10.07 -17.28 -12.28
N GLY B 123 10.54 -17.23 -13.53
CA GLY B 123 9.70 -17.51 -14.67
C GLY B 123 9.40 -19.00 -14.85
N SER B 124 10.34 -19.83 -14.44
CA SER B 124 10.13 -21.26 -14.50
C SER B 124 9.61 -21.77 -13.17
N ASP B 125 10.51 -21.94 -12.22
CA ASP B 125 10.19 -22.68 -11.01
C ASP B 125 9.30 -22.00 -9.97
N LEU B 126 9.54 -20.72 -9.67
CA LEU B 126 8.75 -20.08 -8.62
C LEU B 126 7.30 -19.92 -9.04
N ASN B 127 7.10 -19.42 -10.25
CA ASN B 127 5.75 -19.26 -10.80
C ASN B 127 4.97 -20.57 -10.79
N ARG B 128 5.58 -21.64 -11.32
CA ARG B 128 4.95 -22.96 -11.27
C ARG B 128 4.50 -23.33 -9.85
N SER B 129 5.34 -23.03 -8.87
CA SER B 129 5.10 -23.52 -7.51
C SER B 129 3.85 -22.96 -6.86
N TRP B 130 3.39 -21.79 -7.30
CA TRP B 130 2.30 -21.12 -6.60
C TRP B 130 0.91 -21.36 -7.20
N VAL B 131 0.86 -22.01 -8.36
CA VAL B 131 -0.37 -22.09 -9.15
C VAL B 131 -1.55 -22.66 -8.36
N GLY B 132 -1.35 -23.82 -7.75
CA GLY B 132 -2.41 -24.44 -7.00
C GLY B 132 -2.90 -23.58 -5.85
N ALA B 133 -1.97 -22.93 -5.16
CA ALA B 133 -2.32 -22.14 -3.98
C ALA B 133 -2.95 -20.82 -4.38
N PHE B 134 -2.42 -20.22 -5.43
CA PHE B 134 -2.94 -18.94 -5.88
C PHE B 134 -4.32 -19.10 -6.55
N LEU B 135 -4.44 -20.05 -7.45
CA LEU B 135 -5.74 -20.29 -8.11
C LEU B 135 -6.78 -20.74 -7.10
N GLY B 136 -6.35 -21.55 -6.15
CA GLY B 136 -7.24 -22.05 -5.12
C GLY B 136 -7.70 -21.00 -4.11
N LEU B 137 -6.76 -20.27 -3.54
CA LEU B 137 -7.03 -19.38 -2.41
C LEU B 137 -7.30 -17.92 -2.75
N VAL B 138 -6.76 -17.44 -3.87
CA VAL B 138 -6.94 -16.04 -4.25
C VAL B 138 -7.99 -15.84 -5.34
N ARG B 139 -7.80 -16.50 -6.48
CA ARG B 139 -8.78 -16.44 -7.56
C ARG B 139 -10.03 -17.26 -7.25
N LYS B 140 -9.86 -18.26 -6.38
CA LYS B 140 -10.97 -19.14 -5.99
C LYS B 140 -11.65 -19.78 -7.18
N SER B 141 -10.85 -20.17 -8.17
CA SER B 141 -11.34 -20.92 -9.33
C SER B 141 -12.00 -22.20 -8.84
N PRO B 142 -13.22 -22.48 -9.32
CA PRO B 142 -14.00 -23.65 -8.92
C PRO B 142 -13.34 -24.96 -9.35
N GLU B 143 -12.40 -24.87 -10.29
CA GLU B 143 -11.72 -26.04 -10.83
C GLU B 143 -10.42 -26.35 -10.10
N HIS B 144 -10.07 -25.51 -9.13
CA HIS B 144 -8.83 -25.67 -8.38
C HIS B 144 -9.08 -25.64 -6.87
N GLN B 145 -10.16 -26.27 -6.43
CA GLN B 145 -10.47 -26.30 -4.99
C GLN B 145 -9.99 -27.57 -4.29
N ASP B 146 -9.31 -28.45 -5.02
CA ASP B 146 -8.78 -29.69 -4.44
C ASP B 146 -7.82 -29.38 -3.29
N PRO B 147 -8.19 -29.75 -2.05
CA PRO B 147 -7.38 -29.34 -0.89
C PRO B 147 -5.99 -29.94 -0.94
N ALA B 148 -5.84 -31.11 -1.55
CA ALA B 148 -4.52 -31.70 -1.73
C ALA B 148 -3.66 -30.86 -2.68
N ALA B 149 -4.27 -30.35 -3.73
CA ALA B 149 -3.56 -29.54 -4.73
C ALA B 149 -3.13 -28.21 -4.12
N ILE B 150 -3.97 -27.66 -3.27
CA ILE B 150 -3.67 -26.39 -2.62
C ILE B 150 -2.48 -26.53 -1.69
N ALA B 151 -2.50 -27.58 -0.86
CA ALA B 151 -1.44 -27.82 0.09
C ALA B 151 -0.12 -28.21 -0.55
N GLN B 152 -0.17 -28.96 -1.65
CA GLN B 152 1.07 -29.32 -2.34
C GLN B 152 1.72 -28.05 -2.88
N SER B 153 0.90 -27.13 -3.36
CA SER B 153 1.41 -25.86 -3.87
C SER B 153 2.04 -25.03 -2.75
N ILE B 154 1.34 -24.91 -1.63
CA ILE B 154 1.88 -24.20 -0.48
C ILE B 154 3.22 -24.79 -0.04
N ALA B 155 3.32 -26.12 -0.03
CA ALA B 155 4.55 -26.77 0.39
C ALA B 155 5.71 -26.44 -0.57
N GLY B 156 5.46 -26.55 -1.87
CA GLY B 156 6.50 -26.30 -2.86
C GLY B 156 6.88 -24.83 -2.92
N TRP B 157 5.88 -23.97 -2.82
CA TRP B 157 6.12 -22.53 -2.82
C TRP B 157 6.94 -22.16 -1.59
N THR B 158 6.60 -22.74 -0.44
CA THR B 158 7.35 -22.49 0.79
C THR B 158 8.82 -22.89 0.64
N LYS B 159 9.07 -24.02 -0.01
CA LYS B 159 10.44 -24.47 -0.25
C LYS B 159 11.21 -23.41 -1.05
N HIS B 160 10.58 -22.88 -2.08
CA HIS B 160 11.22 -21.84 -2.89
C HIS B 160 11.44 -20.56 -2.10
N MET B 161 10.50 -20.23 -1.22
CA MET B 161 10.63 -19.01 -0.42
C MET B 161 11.73 -19.12 0.63
N GLN B 162 12.00 -20.34 1.10
CA GLN B 162 13.14 -20.56 2.01
C GLN B 162 14.45 -20.19 1.30
N VAL B 163 14.58 -20.61 0.04
CA VAL B 163 15.73 -20.28 -0.77
C VAL B 163 15.85 -18.77 -1.00
N LEU B 164 14.76 -18.14 -1.40
CA LEU B 164 14.79 -16.70 -1.64
C LEU B 164 15.08 -15.90 -0.37
N ASN B 165 14.49 -16.31 0.75
CA ASN B 165 14.77 -15.68 2.01
C ASN B 165 16.26 -15.73 2.38
N ALA B 166 16.86 -16.90 2.19
CA ALA B 166 18.28 -17.07 2.48
C ALA B 166 19.13 -16.15 1.61
N GLN B 167 18.73 -16.01 0.35
CA GLN B 167 19.44 -15.12 -0.57
C GLN B 167 19.39 -13.67 -0.10
N LEU B 168 18.21 -13.24 0.33
CA LEU B 168 18.03 -11.88 0.80
C LEU B 168 18.74 -11.63 2.13
N GLU B 169 18.88 -12.66 2.94
CA GLU B 169 19.72 -12.56 4.14
C GLU B 169 21.17 -12.35 3.75
N ALA B 170 21.61 -13.05 2.71
CA ALA B 170 22.99 -12.92 2.25
C ALA B 170 23.29 -11.53 1.70
N THR B 171 22.36 -10.96 0.95
CA THR B 171 22.63 -9.65 0.32
C THR B 171 22.34 -8.52 1.28
N GLY B 172 21.37 -8.75 2.17
CA GLY B 172 20.91 -7.72 3.09
C GLY B 172 20.18 -6.58 2.40
N ALA B 173 19.85 -6.74 1.12
CA ALA B 173 19.27 -5.65 0.36
C ALA B 173 18.33 -6.13 -0.74
N PHE B 174 18.87 -6.28 -1.95
CA PHE B 174 18.05 -6.68 -3.11
C PHE B 174 18.35 -8.11 -3.54
N VAL B 175 17.62 -8.64 -4.52
CA VAL B 175 17.76 -10.06 -4.82
C VAL B 175 19.16 -10.44 -5.37
N ALA B 176 19.77 -9.54 -6.14
CA ALA B 176 21.08 -9.86 -6.73
C ALA B 176 22.25 -9.16 -6.05
N GLY B 177 21.98 -8.34 -5.05
CA GLY B 177 23.05 -7.60 -4.39
C GLY B 177 22.60 -6.34 -3.71
N ASP B 178 23.48 -5.33 -3.66
CA ASP B 178 23.22 -4.16 -2.83
C ASP B 178 22.37 -3.09 -3.51
N HIS B 179 22.00 -3.32 -4.77
CA HIS B 179 21.19 -2.33 -5.49
C HIS B 179 20.10 -2.97 -6.34
N PHE B 180 19.08 -2.18 -6.64
CA PHE B 180 17.92 -2.61 -7.40
C PHE B 180 18.39 -3.02 -8.78
N THR B 181 17.94 -4.18 -9.25
CA THR B 181 18.18 -4.60 -10.62
C THR B 181 16.90 -5.08 -11.26
N LEU B 182 16.99 -5.42 -12.54
CA LEU B 182 15.86 -5.97 -13.30
C LEU B 182 15.21 -7.16 -12.60
N ALA B 183 16.01 -7.94 -11.91
CA ALA B 183 15.50 -9.14 -11.26
C ALA B 183 14.52 -8.83 -10.12
N ASP B 184 14.63 -7.65 -9.53
CA ASP B 184 13.77 -7.33 -8.40
C ASP B 184 12.35 -7.05 -8.86
N ILE B 185 12.15 -6.87 -10.16
CA ILE B 185 10.78 -6.73 -10.65
C ILE B 185 9.97 -8.04 -10.65
N PRO B 186 10.45 -9.11 -11.33
CA PRO B 186 9.72 -10.37 -11.18
C PRO B 186 9.77 -10.92 -9.75
N ILE B 187 10.89 -10.76 -9.05
CA ILE B 187 11.01 -11.30 -7.70
C ILE B 187 10.16 -10.51 -6.69
N GLY B 188 10.21 -9.19 -6.78
CA GLY B 188 9.42 -8.32 -5.92
C GLY B 188 7.93 -8.58 -6.07
N LEU B 189 7.47 -8.69 -7.31
CA LEU B 189 6.04 -8.99 -7.51
C LEU B 189 5.70 -10.38 -7.00
N SER B 190 6.64 -11.30 -7.09
CA SER B 190 6.39 -12.66 -6.60
C SER B 190 6.32 -12.70 -5.08
N VAL B 191 7.15 -11.92 -4.41
CA VAL B 191 7.08 -11.81 -2.95
C VAL B 191 5.77 -11.14 -2.55
N ASN B 192 5.33 -10.17 -3.34
CA ASN B 192 4.02 -9.54 -3.10
C ASN B 192 2.92 -10.58 -3.17
N ARG B 193 3.02 -11.47 -4.17
CA ARG B 193 2.05 -12.55 -4.34
C ARG B 193 2.05 -13.49 -3.14
N TRP B 194 3.22 -13.80 -2.61
CA TRP B 194 3.34 -14.67 -1.43
C TRP B 194 2.58 -14.08 -0.24
N PHE B 195 2.82 -12.81 0.07
CA PHE B 195 2.15 -12.21 1.22
C PHE B 195 0.66 -11.93 0.97
N GLY B 196 0.29 -11.78 -0.30
CA GLY B 196 -1.11 -11.54 -0.67
C GLY B 196 -1.98 -12.78 -0.82
N THR B 197 -1.42 -13.95 -0.54
CA THR B 197 -2.16 -15.21 -0.59
C THR B 197 -2.37 -15.71 0.84
N PRO B 198 -3.65 -15.86 1.26
CA PRO B 198 -4.00 -16.13 2.66
C PRO B 198 -3.77 -17.58 3.14
N PHE B 199 -2.80 -17.73 4.06
CA PHE B 199 -2.53 -18.96 4.81
C PHE B 199 -1.48 -18.66 5.87
N GLU B 200 -1.21 -19.60 6.77
CA GLU B 200 -0.15 -19.41 7.75
C GLU B 200 1.22 -19.39 7.07
N HIS B 201 1.87 -18.23 7.06
CA HIS B 201 3.19 -18.11 6.44
C HIS B 201 4.30 -18.40 7.44
N PRO B 202 5.24 -19.29 7.10
CA PRO B 202 6.42 -19.41 7.97
C PRO B 202 7.12 -18.06 8.03
N ASP B 203 7.82 -17.77 9.13
CA ASP B 203 8.51 -16.49 9.23
C ASP B 203 9.70 -16.43 8.27
N PHE B 204 9.69 -15.43 7.39
CA PHE B 204 10.81 -15.16 6.50
C PHE B 204 11.11 -13.68 6.63
N PRO B 205 11.90 -13.30 7.65
CA PRO B 205 12.15 -11.89 7.99
C PRO B 205 12.81 -11.11 6.86
N ALA B 206 13.76 -11.70 6.14
CA ALA B 206 14.45 -11.01 5.05
C ALA B 206 13.51 -10.68 3.90
N ALA B 207 12.61 -11.62 3.60
CA ALA B 207 11.60 -11.40 2.57
C ALA B 207 10.66 -10.26 2.95
N LYS B 208 10.31 -10.18 4.23
CA LYS B 208 9.40 -9.13 4.68
C LYS B 208 10.05 -7.76 4.55
N ARG B 209 11.29 -7.64 4.99
CA ARG B 209 11.97 -6.35 4.93
C ARG B 209 12.36 -5.98 3.50
N TYR B 210 12.53 -6.98 2.65
CA TYR B 210 12.74 -6.73 1.22
C TYR B 210 11.52 -6.05 0.62
N ILE B 211 10.32 -6.56 0.92
CA ILE B 211 9.10 -6.01 0.30
C ILE B 211 8.75 -4.63 0.85
N GLU B 212 9.11 -4.38 2.10
CA GLU B 212 8.92 -3.06 2.68
C GLU B 212 9.88 -2.07 2.04
N ARG B 213 11.05 -2.55 1.64
CA ARG B 213 12.02 -1.73 0.96
C ARG B 213 11.55 -1.39 -0.45
N LEU B 214 10.97 -2.38 -1.12
CA LEU B 214 10.44 -2.16 -2.46
C LEU B 214 9.20 -1.26 -2.43
N ALA B 215 8.51 -1.24 -1.29
CA ALA B 215 7.26 -0.48 -1.17
C ALA B 215 7.47 1.03 -1.22
N THR B 216 8.72 1.48 -1.10
CA THR B 216 9.01 2.90 -1.22
C THR B 216 9.03 3.34 -2.68
N ARG B 217 9.07 2.38 -3.60
CA ARG B 217 9.15 2.69 -5.02
C ARG B 217 7.78 2.92 -5.63
N GLU B 218 7.65 3.96 -6.46
CA GLU B 218 6.35 4.31 -7.05
C GLU B 218 5.72 3.17 -7.85
N GLY B 219 6.52 2.46 -8.64
CA GLY B 219 5.99 1.36 -9.43
C GLY B 219 5.43 0.25 -8.58
N PHE B 220 6.04 0.04 -7.41
CA PHE B 220 5.56 -0.98 -6.49
C PHE B 220 4.26 -0.53 -5.82
N LYS B 221 4.15 0.75 -5.52
CA LYS B 221 2.90 1.20 -4.92
C LYS B 221 1.75 1.03 -5.91
N GLN B 222 2.04 1.26 -7.19
CA GLN B 222 1.00 1.19 -8.21
C GLN B 222 0.63 -0.23 -8.62
N TYR B 223 1.63 -1.11 -8.71
CA TYR B 223 1.41 -2.42 -9.33
C TYR B 223 1.66 -3.60 -8.42
N ALA B 224 1.82 -3.32 -7.13
CA ALA B 224 1.84 -4.39 -6.15
C ALA B 224 0.82 -4.06 -5.06
N GLY B 225 1.09 -4.49 -3.83
CA GLY B 225 0.11 -4.32 -2.77
C GLY B 225 -1.04 -5.29 -2.85
N SER B 226 -2.06 -5.09 -2.00
CA SER B 226 -3.13 -6.08 -1.82
C SER B 226 -4.12 -6.12 -2.98
N ALA B 227 -4.23 -5.01 -3.71
CA ALA B 227 -5.15 -4.90 -4.84
C ALA B 227 -4.66 -5.71 -6.01
N ASN B 228 -3.37 -6.03 -5.98
N ASN B 228 -3.38 -6.02 -6.02
CA ASN B 228 -2.71 -6.74 -7.07
CA ASN B 228 -2.85 -6.84 -7.11
C ASN B 228 -1.86 -7.93 -6.59
C ASN B 228 -1.92 -7.92 -6.61
N PRO B 229 -2.50 -8.96 -6.02
CA PRO B 229 -1.68 -10.10 -5.59
C PRO B 229 -1.04 -10.77 -6.80
N UNK C 1 -5.65 3.03 -20.28
CA UNK C 1 -5.01 4.04 -19.44
C UNK C 1 -3.66 4.50 -20.00
N UNK C 2 -3.40 5.79 -19.91
CA UNK C 2 -2.16 6.34 -20.44
C UNK C 2 -1.20 6.68 -19.32
N UNK C 3 0.09 6.48 -19.58
CA UNK C 3 1.15 6.83 -18.64
C UNK C 3 2.48 6.98 -19.36
#